data_9AT8
#
_entry.id   9AT8
#
_cell.length_a   1.00
_cell.length_b   1.00
_cell.length_c   1.00
_cell.angle_alpha   90.00
_cell.angle_beta   90.00
_cell.angle_gamma   90.00
#
_symmetry.space_group_name_H-M   'P 1'
#
loop_
_entity.id
_entity.type
_entity.pdbx_description
1 polymer 'Fusion glycoprotein F0'
2 polymer 'mAb 77 light chain'
3 polymer 'mAB 77 heavy chain'
4 non-polymer 2-acetamido-2-deoxy-beta-D-glucopyranose
#
loop_
_entity_poly.entity_id
_entity_poly.type
_entity_poly.pdbx_seq_one_letter_code
_entity_poly.pdbx_strand_id
1 'polypeptide(L)'
;MGLKVNVSAIFMAVLLTLQTPTGQIHWGNLSKIGVVGIGSASYKVMTRSSHQSLVIKLMPNITLLNNCTRVEIAEYRRLL
RTVLEPIRDALNAMTQNIRPVQSVASSRRHKRFAGVVLAGAALGVATAAQITAGIALHQSMLNSQAIDNLRASLETTNQA
IEAIRQAGQGMILAVQGVQDYINNELIPSMNQLSCDLIGQKLGLKLLRYYTEILSLFGPSLRDPISAEISIQALSYALGG
DINKVLEKLGYSGGDLLGILESRGIKARITHVDTESYFIVLSIAYPTLSEIKGVIVHRLEGVSYNIGSQEWYTTVPKYVA
TQGYLISNFDESSCTFMPEGTVCSQNALYPMSPLLQECLRGSTKSCARTLVSGSFGNRFILSQGNLIANCASILCKCYTT
GTIINQDPDKILTYIAADHCPVVEVNGVTIQVGSRRYPDAVYLHRIDLGPPISLGRLDVGTNLGNAIAKLEDAKELLESS
DQILRSMKGLSSTSIGVDDDDKAGWSHPQFEKGGGSGGGSGGGSWSHPQFEK
;
E,F
2 'polypeptide(L)'
;MGWSCIILFLVATATGVHSDVQITQSPSYLAASPGETITINCRASKSISKYLAWYQEKPGKTNELLIYSGSTLQSGIPSR
FRGSGSGTDFTLTISSLEPEDFAMYYCQQHNEYTLTFGGGTKLELKRTVAAPSVFIFPPSDEQLKSGTASVVCLLNNFYP
REAKVQWKVDNALQSGNSQESVTEQDSKDSTYSLSSTLTLSKADYEKHKVYACEVTHQGLSSPVTKSFNRGEC
;
K
3 'polypeptide(L)'
;MGWSCIILFLVATATGVHSDVQLQESGPGLVKPSQSLSLTCTVSGYSITSDYAWNWIRQFPGNKLEWMGYISYTLTTGYN
PSLKSRISITRDSSKNQFFLQLNSVTTEDTATYYCARSGWLLPYWYFDVWGAGTTVTVSSASTKGPSVFPLAPSSKSTSG
GTAALGCLVKDYFPEPVTVSWNSGALTSGVHTFPAVLQSSGLYSLSSVVTVPSSSLGTQTYICNVNHKPSNTKVDKKVEP
KSCDKGLEVLFQGPTHTCPPCPAPELLGGPSVFLFPPKPKDTLMISRTPEVTCVVVDVSHEDPEVKFNWYVDGVEVHNAK
TKPREEQYNSTYRVVSVLTVLHQDWLNGKEYKCKVSNKALPAPIEKTISKAKGQPREPQVYTLPPSRDELTKNQVSLTCL
VKGFYPSDIAVEWESNGQPENNYKTTPPVLDSDGSFFLYSKLTVDKSRWQQGNVFSCSVMHEALHNHYTQKSLSLSPGK
;
L
#
# COMPACT_ATOMS: atom_id res chain seq x y z
N GLN A 24 -8.99 -5.60 16.30
CA GLN A 24 -8.18 -5.24 15.13
C GLN A 24 -8.63 -3.92 14.54
N ILE A 25 -7.71 -2.94 14.52
CA ILE A 25 -8.02 -1.62 13.99
C ILE A 25 -8.15 -1.74 12.48
N HIS A 26 -9.38 -1.64 11.97
CA HIS A 26 -9.59 -1.60 10.53
C HIS A 26 -9.20 -0.23 9.99
N TRP A 27 -7.99 -0.13 9.45
CA TRP A 27 -7.48 1.15 9.01
C TRP A 27 -8.27 1.72 7.84
N GLY A 28 -9.03 0.88 7.15
CA GLY A 28 -9.81 1.36 6.01
C GLY A 28 -10.94 2.29 6.42
N ASN A 29 -11.64 1.95 7.50
CA ASN A 29 -12.82 2.73 7.89
C ASN A 29 -12.43 3.96 8.71
N LEU A 30 -11.32 3.90 9.43
CA LEU A 30 -10.88 5.06 10.20
C LEU A 30 -10.36 6.16 9.27
N SER A 31 -9.90 5.79 8.08
CA SER A 31 -9.38 6.78 7.15
C SER A 31 -10.49 7.67 6.61
N LYS A 32 -11.70 7.12 6.46
CA LYS A 32 -12.81 7.91 5.94
C LYS A 32 -13.15 9.07 6.85
N ILE A 33 -13.12 8.84 8.16
CA ILE A 33 -13.48 9.88 9.13
C ILE A 33 -12.25 10.69 9.48
N GLY A 34 -11.17 10.51 8.73
CA GLY A 34 -9.98 11.31 8.87
C GLY A 34 -8.92 10.74 9.81
N VAL A 35 -9.21 9.67 10.53
CA VAL A 35 -8.26 9.10 11.48
C VAL A 35 -7.25 8.27 10.70
N VAL A 36 -6.01 8.75 10.67
CA VAL A 36 -4.93 8.10 9.94
C VAL A 36 -3.82 7.75 10.92
N GLY A 37 -3.43 6.47 10.93
CA GLY A 37 -2.32 6.04 11.76
C GLY A 37 -1.02 6.73 11.39
N ILE A 38 -0.35 7.30 12.38
CA ILE A 38 0.88 8.06 12.14
C ILE A 38 2.12 7.36 12.71
N GLY A 39 1.96 6.39 13.59
CA GLY A 39 3.09 5.68 14.15
C GLY A 39 2.68 4.48 14.96
N SER A 40 3.46 3.40 14.88
CA SER A 40 3.14 2.18 15.60
C SER A 40 4.42 1.49 16.03
N ALA A 41 4.34 0.77 17.14
CA ALA A 41 5.47 0.04 17.69
C ALA A 41 4.95 -0.96 18.72
N SER A 42 5.87 -1.66 19.37
CA SER A 42 5.53 -2.65 20.38
C SER A 42 6.39 -2.43 21.62
N TYR A 43 5.88 -2.88 22.76
CA TYR A 43 6.57 -2.71 24.03
C TYR A 43 6.69 -4.06 24.75
N LYS A 44 7.75 -4.18 25.54
CA LYS A 44 8.03 -5.39 26.29
C LYS A 44 7.56 -5.25 27.74
N VAL B 294 1.61 -7.41 21.86
CA VAL B 294 0.92 -6.17 22.16
C VAL B 294 1.56 -5.02 21.37
N ILE B 295 0.72 -4.09 20.91
CA ILE B 295 1.14 -3.04 19.99
C ILE B 295 0.66 -1.70 20.54
N VAL B 296 1.37 -0.63 20.17
CA VAL B 296 1.01 0.73 20.53
C VAL B 296 0.84 1.54 19.26
N HIS B 297 -0.22 2.35 19.20
CA HIS B 297 -0.51 3.20 18.07
C HIS B 297 -0.75 4.63 18.52
N ARG B 298 -0.25 5.59 17.73
CA ARG B 298 -0.58 6.99 17.88
C ARG B 298 -1.34 7.45 16.64
N LEU B 299 -2.40 8.20 16.84
CA LEU B 299 -3.34 8.52 15.78
C LEU B 299 -3.40 10.02 15.51
N GLU B 300 -3.64 10.36 14.25
CA GLU B 300 -3.86 11.73 13.82
C GLU B 300 -5.12 11.79 12.99
N GLY B 301 -5.80 12.94 13.03
CA GLY B 301 -7.07 13.09 12.34
C GLY B 301 -7.17 14.42 11.64
N VAL B 302 -8.13 14.49 10.72
CA VAL B 302 -8.49 15.72 10.03
C VAL B 302 -10.01 15.85 10.06
N SER B 303 -10.49 17.07 10.33
CA SER B 303 -11.93 17.29 10.42
C SER B 303 -12.60 17.04 9.08
N TYR B 304 -13.81 16.48 9.15
CA TYR B 304 -14.59 16.16 7.97
C TYR B 304 -15.86 17.00 7.97
N ASN B 305 -16.19 17.61 6.84
CA ASN B 305 -17.31 18.55 6.73
C ASN B 305 -18.50 17.86 6.08
N ILE B 306 -19.60 17.76 6.84
CA ILE B 306 -20.89 17.36 6.28
C ILE B 306 -21.57 18.65 5.83
N GLY B 307 -21.26 19.07 4.61
CA GLY B 307 -21.81 20.32 4.09
C GLY B 307 -21.07 21.54 4.58
N SER B 308 -21.83 22.60 4.90
CA SER B 308 -21.22 23.86 5.32
C SER B 308 -20.47 23.71 6.64
N GLN B 309 -21.05 22.98 7.59
CA GLN B 309 -20.44 22.86 8.90
C GLN B 309 -19.30 21.85 8.90
N GLU B 310 -18.41 21.99 9.87
CA GLU B 310 -17.21 21.17 9.98
C GLU B 310 -17.29 20.30 11.23
N TRP B 311 -16.96 19.02 11.10
CA TRP B 311 -17.00 18.08 12.20
C TRP B 311 -15.68 17.32 12.26
N TYR B 312 -15.32 16.86 13.46
CA TYR B 312 -14.07 16.14 13.67
C TYR B 312 -14.30 15.09 14.75
N THR B 313 -13.68 13.93 14.57
CA THR B 313 -13.82 12.80 15.48
C THR B 313 -12.70 12.85 16.51
N THR B 314 -13.07 12.90 17.80
CA THR B 314 -12.10 12.97 18.88
C THR B 314 -11.80 11.58 19.42
N VAL B 315 -11.10 10.80 18.59
CA VAL B 315 -10.62 9.49 18.99
C VAL B 315 -9.45 9.68 19.95
N PRO B 316 -9.16 8.70 20.81
CA PRO B 316 -8.01 8.85 21.71
C PRO B 316 -6.71 9.03 20.94
N LYS B 317 -5.81 9.81 21.53
CA LYS B 317 -4.52 10.08 20.88
C LYS B 317 -3.71 8.80 20.72
N TYR B 318 -3.70 7.94 21.72
CA TYR B 318 -2.93 6.71 21.71
C TYR B 318 -3.85 5.53 21.99
N VAL B 319 -3.80 4.53 21.11
CA VAL B 319 -4.60 3.31 21.24
C VAL B 319 -3.64 2.13 21.17
N ALA B 320 -3.77 1.21 22.12
CA ALA B 320 -2.90 0.04 22.20
C ALA B 320 -3.67 -1.20 21.78
N THR B 321 -3.04 -2.02 20.92
CA THR B 321 -3.64 -3.24 20.42
C THR B 321 -2.78 -4.44 20.81
N GLN B 322 -3.43 -5.61 20.89
CA GLN B 322 -2.74 -6.86 21.18
C GLN B 322 -3.13 -7.95 20.18
N GLY B 323 -3.70 -7.56 19.04
CA GLY B 323 -4.20 -8.52 18.07
C GLY B 323 -5.52 -9.11 18.51
N TYR B 324 -5.49 -9.90 19.58
CA TYR B 324 -6.70 -10.44 20.17
C TYR B 324 -7.40 -9.45 21.09
N LEU B 325 -6.71 -8.41 21.53
CA LEU B 325 -7.26 -7.45 22.47
C LEU B 325 -6.85 -6.04 22.07
N ILE B 326 -7.69 -5.07 22.41
CA ILE B 326 -7.45 -3.66 22.15
C ILE B 326 -7.87 -2.85 23.36
N SER B 327 -7.05 -1.87 23.73
CA SER B 327 -7.38 -1.01 24.86
C SER B 327 -6.61 0.31 24.73
N ASN B 328 -7.24 1.38 25.20
CA ASN B 328 -6.62 2.69 25.13
C ASN B 328 -5.36 2.74 26.00
N PHE B 329 -4.33 3.41 25.50
CA PHE B 329 -3.11 3.58 26.26
C PHE B 329 -3.37 4.55 27.40
N ASP B 330 -3.01 4.15 28.62
CA ASP B 330 -3.43 4.87 29.83
C ASP B 330 -2.90 6.29 29.88
N GLU B 331 -1.58 6.45 29.97
CA GLU B 331 -1.01 7.79 30.16
C GLU B 331 0.07 8.14 29.15
N SER B 332 0.90 7.17 28.75
CA SER B 332 2.02 7.42 27.84
C SER B 332 2.95 8.50 28.37
N SER B 333 3.18 8.50 29.68
CA SER B 333 4.06 9.48 30.32
C SER B 333 5.48 8.92 30.46
N CYS B 334 6.06 8.57 29.31
CA CYS B 334 7.41 8.02 29.30
C CYS B 334 8.02 8.26 27.93
N THR B 335 9.35 8.14 27.88
CA THR B 335 10.12 8.43 26.67
C THR B 335 10.06 7.27 25.69
N PHE B 336 9.90 7.58 24.42
CA PHE B 336 9.91 6.60 23.33
C PHE B 336 11.27 6.64 22.66
N MET B 337 12.09 5.61 22.92
CA MET B 337 13.40 5.52 22.31
C MET B 337 13.30 4.96 20.89
N PRO B 338 14.30 5.25 20.04
CA PRO B 338 14.28 4.67 18.69
C PRO B 338 14.35 3.16 18.67
N GLU B 339 14.90 2.53 19.71
CA GLU B 339 15.00 1.08 19.74
C GLU B 339 13.63 0.42 19.79
N GLY B 340 12.70 1.04 20.53
CA GLY B 340 11.37 0.48 20.67
C GLY B 340 10.56 1.23 21.71
N THR B 341 9.75 0.50 22.48
CA THR B 341 8.94 1.10 23.54
C THR B 341 9.24 0.38 24.84
N VAL B 342 9.92 1.06 25.77
CA VAL B 342 10.19 0.54 27.10
C VAL B 342 9.72 1.63 28.07
N CYS B 343 8.46 1.53 28.51
CA CYS B 343 7.90 2.53 29.41
C CYS B 343 8.30 2.20 30.85
N SER B 344 9.00 3.13 31.50
CA SER B 344 9.43 2.90 32.86
C SER B 344 8.28 2.96 33.84
N GLN B 345 7.23 3.73 33.54
CA GLN B 345 6.06 3.85 34.40
C GLN B 345 4.83 3.50 33.57
N ASN B 346 4.37 2.26 33.69
CA ASN B 346 3.19 1.80 32.97
C ASN B 346 2.44 0.78 33.81
N ALA B 347 1.16 0.63 33.53
CA ALA B 347 0.29 -0.29 34.25
C ALA B 347 -0.78 -0.79 33.30
N LEU B 348 -1.74 -1.54 33.85
CA LEU B 348 -2.83 -2.08 33.04
C LEU B 348 -3.71 -0.96 32.53
N TYR B 349 -4.29 -1.16 31.35
CA TYR B 349 -5.09 -0.16 30.64
C TYR B 349 -6.58 -0.40 30.84
N PRO B 350 -7.37 0.66 30.85
CA PRO B 350 -8.83 0.51 31.00
C PRO B 350 -9.46 -0.05 29.72
N MET B 351 -10.67 -0.57 29.90
CA MET B 351 -11.44 -1.15 28.81
C MET B 351 -12.76 -0.39 28.65
N SER B 352 -13.15 -0.16 27.39
CA SER B 352 -14.36 0.59 27.09
C SER B 352 -14.95 0.14 25.76
N PRO B 353 -16.08 -0.55 25.76
CA PRO B 353 -16.65 -1.03 24.48
C PRO B 353 -17.09 0.10 23.55
N LEU B 354 -17.39 1.28 24.09
CA LEU B 354 -17.90 2.36 23.24
C LEU B 354 -16.82 2.90 22.31
N LEU B 355 -15.73 3.42 22.88
CA LEU B 355 -14.69 4.03 22.07
C LEU B 355 -13.90 2.99 21.28
N GLN B 356 -13.70 1.81 21.86
CA GLN B 356 -12.91 0.78 21.17
C GLN B 356 -13.61 0.32 19.89
N GLU B 357 -14.95 0.20 19.93
CA GLU B 357 -15.67 -0.25 18.75
C GLU B 357 -15.56 0.74 17.58
N CYS B 358 -15.27 2.01 17.87
CA CYS B 358 -15.02 2.96 16.79
C CYS B 358 -13.84 2.52 15.94
N LEU B 359 -12.75 2.09 16.57
CA LEU B 359 -11.58 1.64 15.84
C LEU B 359 -11.77 0.27 15.23
N ARG B 360 -12.86 -0.43 15.53
CA ARG B 360 -13.14 -1.73 14.94
C ARG B 360 -13.73 -1.64 13.54
N GLY B 361 -13.90 -0.43 13.01
CA GLY B 361 -14.41 -0.22 11.67
C GLY B 361 -15.82 0.32 11.59
N SER B 362 -16.59 0.22 12.67
CA SER B 362 -17.96 0.75 12.70
C SER B 362 -17.90 2.20 13.15
N THR B 363 -17.99 3.12 12.19
CA THR B 363 -17.94 4.55 12.47
C THR B 363 -19.30 5.14 12.86
N LYS B 364 -20.36 4.32 12.87
CA LYS B 364 -21.69 4.84 13.17
C LYS B 364 -21.77 5.36 14.60
N SER B 365 -21.15 4.67 15.55
CA SER B 365 -21.21 5.02 16.96
C SER B 365 -19.82 5.39 17.50
N CYS B 366 -19.07 6.16 16.73
CA CYS B 366 -17.72 6.57 17.12
C CYS B 366 -17.75 7.96 17.74
N ALA B 367 -16.57 8.50 18.03
CA ALA B 367 -16.47 9.84 18.60
C ALA B 367 -16.93 10.88 17.59
N ARG B 368 -17.41 12.00 18.11
CA ARG B 368 -17.93 13.08 17.28
C ARG B 368 -17.84 14.38 18.06
N THR B 369 -17.42 15.45 17.38
CA THR B 369 -17.26 16.74 18.03
C THR B 369 -17.39 17.85 17.00
N LEU B 370 -18.25 18.83 17.30
CA LEU B 370 -18.37 20.01 16.45
C LEU B 370 -17.12 20.87 16.61
N VAL B 371 -16.50 21.23 15.50
CA VAL B 371 -15.21 21.92 15.51
C VAL B 371 -15.27 23.20 14.71
N SER B 372 -16.46 23.82 14.61
CA SER B 372 -16.58 25.08 13.90
C SER B 372 -15.75 26.17 14.59
N GLY B 373 -15.84 26.26 15.91
CA GLY B 373 -15.04 27.25 16.62
C GLY B 373 -13.55 26.95 16.58
N SER B 374 -13.18 25.69 16.78
CA SER B 374 -11.78 25.27 16.81
C SER B 374 -11.55 24.37 15.59
N PHE B 375 -11.00 24.96 14.53
CA PHE B 375 -10.81 24.23 13.28
C PHE B 375 -9.82 23.07 13.47
N GLY B 376 -8.72 23.31 14.18
CA GLY B 376 -7.76 22.25 14.41
C GLY B 376 -7.07 21.81 13.12
N ASN B 377 -6.77 20.52 13.05
CA ASN B 377 -6.13 19.96 11.86
C ASN B 377 -7.08 20.01 10.67
N ARG B 378 -6.54 20.37 9.50
CA ARG B 378 -7.34 20.45 8.29
C ARG B 378 -6.74 19.75 7.09
N PHE B 379 -5.46 19.37 7.12
CA PHE B 379 -4.87 18.63 6.01
C PHE B 379 -3.68 17.83 6.52
N ILE B 380 -3.58 16.58 6.06
CA ILE B 380 -2.53 15.66 6.48
C ILE B 380 -1.98 14.96 5.25
N LEU B 381 -0.76 14.45 5.37
CA LEU B 381 -0.08 13.75 4.28
C LEU B 381 0.06 12.29 4.67
N SER B 382 -0.78 11.43 4.07
CA SER B 382 -0.75 10.00 4.32
C SER B 382 -0.57 9.26 3.02
N GLN B 383 0.39 8.33 3.00
CA GLN B 383 0.72 7.51 1.83
C GLN B 383 1.24 8.34 0.66
N GLY B 384 1.71 9.55 0.91
CA GLY B 384 2.06 10.46 -0.16
C GLY B 384 0.89 11.11 -0.83
N ASN B 385 -0.33 10.71 -0.49
CA ASN B 385 -1.56 11.30 -1.03
C ASN B 385 -2.12 12.27 -0.01
N LEU B 386 -2.17 13.55 -0.37
CA LEU B 386 -2.68 14.57 0.54
C LEU B 386 -4.13 14.29 0.89
N ILE B 387 -4.44 14.34 2.18
CA ILE B 387 -5.82 14.30 2.68
C ILE B 387 -6.13 15.69 3.21
N ALA B 388 -7.10 16.36 2.60
CA ALA B 388 -7.44 17.71 2.99
C ALA B 388 -8.95 17.87 3.01
N ASN B 389 -9.42 18.76 3.89
CA ASN B 389 -10.83 19.14 3.96
C ASN B 389 -10.99 20.45 3.21
N CYS B 390 -10.98 20.33 1.87
CA CYS B 390 -10.95 21.51 1.01
C CYS B 390 -12.22 22.34 1.09
N ALA B 391 -13.29 21.83 1.69
CA ALA B 391 -14.52 22.61 1.81
C ALA B 391 -14.34 23.85 2.67
N SER B 392 -13.35 23.86 3.56
CA SER B 392 -13.11 25.00 4.43
C SER B 392 -11.70 25.56 4.31
N ILE B 393 -10.87 25.02 3.43
CA ILE B 393 -9.53 25.52 3.20
C ILE B 393 -9.36 25.78 1.71
N LEU B 394 -8.74 26.91 1.36
CA LEU B 394 -8.58 27.32 -0.03
C LEU B 394 -7.40 26.59 -0.66
N CYS B 395 -7.60 25.29 -0.84
CA CYS B 395 -6.58 24.46 -1.46
C CYS B 395 -6.50 24.75 -2.96
N LYS B 396 -5.28 24.78 -3.49
CA LYS B 396 -5.05 25.04 -4.90
C LYS B 396 -3.94 24.14 -5.41
N CYS B 397 -3.90 23.96 -6.73
CA CYS B 397 -2.85 23.22 -7.41
C CYS B 397 -2.04 24.18 -8.26
N TYR B 398 -0.71 24.17 -8.08
CA TYR B 398 0.14 25.07 -8.84
C TYR B 398 0.48 24.53 -10.22
N THR B 399 -0.01 23.34 -10.59
CA THR B 399 0.19 22.85 -11.95
C THR B 399 -0.50 23.73 -12.97
N THR B 400 -1.70 24.24 -12.65
CA THR B 400 -2.42 25.14 -13.52
C THR B 400 -3.02 26.34 -12.82
N GLY B 401 -3.05 26.38 -11.49
CA GLY B 401 -3.73 27.43 -10.78
C GLY B 401 -5.22 27.22 -10.60
N THR B 402 -5.74 26.07 -11.02
CA THR B 402 -7.16 25.80 -10.92
C THR B 402 -7.57 25.52 -9.47
N ILE B 403 -8.75 26.00 -9.09
CA ILE B 403 -9.30 25.74 -7.77
C ILE B 403 -9.92 24.35 -7.75
N ILE B 404 -9.74 23.65 -6.64
CA ILE B 404 -10.37 22.34 -6.46
C ILE B 404 -11.73 22.54 -5.81
N ASN B 405 -12.76 22.00 -6.44
CA ASN B 405 -14.13 22.16 -5.98
C ASN B 405 -14.55 20.96 -5.16
N GLN B 406 -14.96 21.21 -3.92
CA GLN B 406 -15.54 20.19 -3.06
C GLN B 406 -17.02 20.51 -2.86
N ASP B 407 -17.87 19.56 -3.16
CA ASP B 407 -19.32 19.73 -3.14
C ASP B 407 -19.90 19.06 -1.91
N PRO B 408 -21.11 19.45 -1.49
CA PRO B 408 -21.70 18.85 -0.28
C PRO B 408 -21.83 17.34 -0.35
N ASP B 409 -21.99 16.76 -1.55
CA ASP B 409 -22.07 15.31 -1.66
C ASP B 409 -20.75 14.63 -1.31
N LYS B 410 -19.64 15.37 -1.29
CA LYS B 410 -18.34 14.84 -0.94
C LYS B 410 -17.87 15.47 0.37
N ILE B 411 -17.29 14.64 1.25
CA ILE B 411 -16.88 15.07 2.58
C ILE B 411 -15.39 15.37 2.63
N LEU B 412 -14.56 14.41 2.23
CA LEU B 412 -13.11 14.60 2.20
C LEU B 412 -12.59 14.28 0.81
N THR B 413 -11.62 15.06 0.36
CA THR B 413 -11.00 14.88 -0.95
C THR B 413 -9.57 14.39 -0.75
N TYR B 414 -9.26 13.22 -1.30
CA TYR B 414 -7.94 12.61 -1.16
C TYR B 414 -7.12 12.90 -2.42
N ILE B 415 -6.64 14.15 -2.50
CA ILE B 415 -5.98 14.61 -3.71
C ILE B 415 -4.72 13.79 -3.96
N ALA B 416 -4.58 13.29 -5.18
CA ALA B 416 -3.45 12.47 -5.60
C ALA B 416 -2.76 13.14 -6.79
N ALA B 417 -1.81 12.42 -7.39
CA ALA B 417 -1.07 12.95 -8.54
C ALA B 417 -1.74 12.63 -9.88
N ASP B 418 -2.79 11.81 -9.89
CA ASP B 418 -3.53 11.57 -11.13
C ASP B 418 -4.38 12.75 -11.53
N HIS B 419 -4.52 13.75 -10.66
CA HIS B 419 -5.20 14.99 -11.00
C HIS B 419 -4.46 16.24 -10.54
N CYS B 420 -3.39 16.09 -9.74
CA CYS B 420 -2.64 17.24 -9.23
C CYS B 420 -1.23 16.77 -8.92
N PRO B 421 -0.27 17.01 -9.81
CA PRO B 421 1.11 16.55 -9.57
C PRO B 421 1.74 17.23 -8.36
N VAL B 422 1.69 18.55 -8.32
CA VAL B 422 2.19 19.33 -7.19
C VAL B 422 1.04 20.15 -6.63
N VAL B 423 0.81 20.04 -5.34
CA VAL B 423 -0.25 20.77 -4.67
C VAL B 423 0.37 21.86 -3.80
N GLU B 424 -0.39 22.91 -3.55
CA GLU B 424 0.12 24.06 -2.82
C GLU B 424 -1.04 24.68 -2.03
N VAL B 425 -1.12 24.33 -0.75
CA VAL B 425 -2.11 24.91 0.16
C VAL B 425 -1.39 26.01 0.94
N ASN B 426 -1.73 27.27 0.65
CA ASN B 426 -1.22 28.48 1.28
C ASN B 426 0.24 28.35 1.71
N GLY B 427 1.09 27.92 0.79
CA GLY B 427 2.47 27.60 1.11
C GLY B 427 3.32 27.34 -0.11
N VAL B 428 4.10 26.26 -0.07
CA VAL B 428 5.04 25.93 -1.15
C VAL B 428 4.80 24.50 -1.61
N THR B 429 5.63 24.03 -2.53
CA THR B 429 5.46 22.75 -3.21
C THR B 429 5.31 21.58 -2.24
N ILE B 430 4.16 20.92 -2.28
CA ILE B 430 3.95 19.65 -1.58
C ILE B 430 3.85 18.59 -2.67
N GLN B 431 4.97 17.96 -3.00
CA GLN B 431 5.01 17.01 -4.10
C GLN B 431 4.23 15.74 -3.73
N VAL B 432 3.24 15.42 -4.54
CA VAL B 432 2.33 14.30 -4.28
C VAL B 432 2.63 13.18 -5.26
N GLY B 433 2.68 11.95 -4.74
CA GLY B 433 2.90 10.77 -5.54
C GLY B 433 1.60 10.19 -6.08
N SER B 434 1.72 9.02 -6.69
CA SER B 434 0.60 8.38 -7.38
C SER B 434 -0.54 8.10 -6.41
N ARG B 435 -1.69 7.73 -6.98
CA ARG B 435 -2.90 7.57 -6.19
C ARG B 435 -2.82 6.33 -5.30
N ARG B 436 -3.33 6.46 -4.08
CA ARG B 436 -3.47 5.34 -3.16
C ARG B 436 -4.82 5.31 -2.48
N TYR B 437 -5.64 6.35 -2.65
CA TYR B 437 -6.92 6.57 -2.00
C TYR B 437 -7.99 6.89 -3.01
N PRO B 438 -9.25 6.64 -2.69
CA PRO B 438 -10.34 7.12 -3.55
C PRO B 438 -10.32 8.63 -3.64
N ASP B 439 -10.78 9.15 -4.79
CA ASP B 439 -10.74 10.60 -4.99
C ASP B 439 -11.58 11.36 -3.98
N ALA B 440 -12.58 10.71 -3.38
CA ALA B 440 -13.40 11.33 -2.36
C ALA B 440 -14.16 10.23 -1.62
N VAL B 441 -14.90 10.63 -0.59
CA VAL B 441 -15.74 9.72 0.19
C VAL B 441 -17.20 10.11 -0.04
N TYR B 442 -18.03 9.12 -0.33
CA TYR B 442 -19.45 9.36 -0.53
C TYR B 442 -20.11 9.75 0.79
N LEU B 443 -21.14 10.58 0.69
CA LEU B 443 -21.86 11.03 1.89
C LEU B 443 -22.51 9.85 2.60
N HIS B 444 -23.14 8.95 1.84
CA HIS B 444 -23.78 7.78 2.43
C HIS B 444 -22.89 6.54 2.26
N ASP C 20 -11.72 -17.03 -5.65
CA ASP C 20 -11.18 -17.84 -6.74
C ASP C 20 -10.85 -16.97 -7.95
N VAL C 21 -10.09 -15.90 -7.71
CA VAL C 21 -9.73 -14.98 -8.78
C VAL C 21 -8.53 -15.57 -9.53
N GLN C 22 -8.70 -15.79 -10.83
CA GLN C 22 -7.64 -16.29 -11.69
C GLN C 22 -7.50 -15.36 -12.89
N ILE C 23 -6.28 -14.90 -13.13
CA ILE C 23 -5.99 -13.95 -14.21
C ILE C 23 -5.24 -14.69 -15.30
N THR C 24 -5.76 -14.63 -16.53
CA THR C 24 -5.18 -15.33 -17.67
C THR C 24 -4.75 -14.28 -18.70
N GLN C 25 -3.44 -14.20 -18.93
CA GLN C 25 -2.89 -13.31 -19.94
C GLN C 25 -2.75 -14.08 -21.24
N SER C 26 -3.45 -13.64 -22.28
CA SER C 26 -3.53 -14.44 -23.51
C SER C 26 -2.23 -14.42 -24.31
N PRO C 27 -1.70 -13.25 -24.73
CA PRO C 27 -0.55 -13.30 -25.66
C PRO C 27 0.78 -13.62 -24.98
N SER C 28 1.03 -14.92 -24.79
CA SER C 28 2.26 -15.36 -24.15
C SER C 28 3.50 -14.97 -24.95
N TYR C 29 3.36 -14.85 -26.28
CA TYR C 29 4.45 -14.40 -27.13
C TYR C 29 3.91 -13.39 -28.14
N LEU C 30 4.68 -12.33 -28.39
CA LEU C 30 4.31 -11.33 -29.37
C LEU C 30 5.56 -10.77 -30.01
N ALA C 31 5.58 -10.75 -31.34
CA ALA C 31 6.67 -10.14 -32.08
C ALA C 31 6.50 -8.63 -32.10
N ALA C 32 7.56 -7.93 -32.49
CA ALA C 32 7.54 -6.47 -32.54
C ALA C 32 8.64 -5.99 -33.46
N SER C 33 8.48 -4.75 -33.92
CA SER C 33 9.47 -4.06 -34.73
C SER C 33 9.48 -2.60 -34.34
N PRO C 34 10.60 -1.89 -34.54
CA PRO C 34 10.67 -0.50 -34.07
C PRO C 34 9.81 0.45 -34.88
N GLY C 35 8.70 0.90 -34.29
CA GLY C 35 7.85 1.87 -34.95
C GLY C 35 6.43 1.41 -35.24
N GLU C 36 5.89 0.51 -34.43
CA GLU C 36 4.52 0.05 -34.61
C GLU C 36 3.91 -0.32 -33.26
N THR C 37 2.61 -0.54 -33.26
CA THR C 37 1.84 -0.75 -32.05
C THR C 37 1.53 -2.22 -31.83
N ILE C 38 1.57 -2.65 -30.57
CA ILE C 38 1.30 -4.03 -30.17
C ILE C 38 0.40 -4.01 -28.95
N THR C 39 -0.60 -4.90 -28.93
CA THR C 39 -1.58 -4.96 -27.86
C THR C 39 -1.42 -6.26 -27.07
N ILE C 40 -1.24 -6.13 -25.76
CA ILE C 40 -1.22 -7.26 -24.84
C ILE C 40 -2.53 -7.25 -24.06
N ASN C 41 -3.07 -8.43 -23.77
CA ASN C 41 -4.35 -8.53 -23.10
C ASN C 41 -4.21 -9.31 -21.80
N CYS C 42 -5.25 -9.18 -20.95
CA CYS C 42 -5.41 -9.97 -19.74
C CYS C 42 -6.89 -10.16 -19.46
N ARG C 43 -7.23 -11.31 -18.90
CA ARG C 43 -8.62 -11.67 -18.64
C ARG C 43 -8.72 -12.21 -17.22
N ALA C 44 -9.89 -12.06 -16.63
CA ALA C 44 -10.19 -12.54 -15.28
C ALA C 44 -11.36 -13.49 -15.33
N SER C 45 -11.83 -13.91 -14.14
CA SER C 45 -13.02 -14.73 -14.02
C SER C 45 -14.11 -14.10 -13.17
N LYS C 46 -13.78 -13.13 -12.32
CA LYS C 46 -14.74 -12.40 -11.52
C LYS C 46 -14.44 -10.91 -11.67
N SER C 47 -15.50 -10.10 -11.72
CA SER C 47 -15.33 -8.67 -11.99
C SER C 47 -14.45 -8.02 -10.94
N ILE C 48 -13.47 -7.25 -11.40
CA ILE C 48 -12.50 -6.61 -10.53
C ILE C 48 -12.45 -5.11 -10.81
N SER C 49 -13.52 -4.60 -11.42
CA SER C 49 -13.62 -3.19 -11.81
C SER C 49 -12.45 -2.88 -12.74
N LYS C 50 -11.94 -1.65 -12.72
CA LYS C 50 -10.84 -1.23 -13.56
C LYS C 50 -9.48 -1.47 -12.93
N TYR C 51 -9.43 -2.14 -11.78
CA TYR C 51 -8.20 -2.32 -11.02
C TYR C 51 -7.34 -3.37 -11.69
N LEU C 52 -6.38 -2.93 -12.50
CA LEU C 52 -5.37 -3.81 -13.05
C LEU C 52 -4.10 -3.00 -13.25
N ALA C 53 -2.95 -3.63 -13.04
CA ALA C 53 -1.67 -2.94 -13.13
C ALA C 53 -0.74 -3.67 -14.09
N TRP C 54 0.23 -2.92 -14.63
CA TRP C 54 1.13 -3.44 -15.67
C TRP C 54 2.57 -3.14 -15.29
N TYR C 55 3.37 -4.20 -15.18
CA TYR C 55 4.76 -4.12 -14.74
C TYR C 55 5.69 -4.54 -15.88
N GLN C 56 6.78 -3.80 -16.07
CA GLN C 56 7.74 -4.10 -17.12
C GLN C 56 9.05 -4.56 -16.48
N GLU C 57 9.52 -5.74 -16.89
CA GLU C 57 10.68 -6.39 -16.28
C GLU C 57 11.82 -6.48 -17.28
N LYS C 58 12.67 -5.45 -17.30
CA LYS C 58 13.90 -5.55 -18.04
C LYS C 58 14.88 -6.45 -17.28
N PRO C 59 15.72 -7.21 -18.01
CA PRO C 59 16.69 -8.07 -17.32
C PRO C 59 17.76 -7.27 -16.61
N GLY C 60 18.13 -7.74 -15.41
CA GLY C 60 19.17 -7.09 -14.66
C GLY C 60 18.79 -5.77 -14.02
N LYS C 61 17.49 -5.50 -13.87
CA LYS C 61 17.01 -4.26 -13.27
C LYS C 61 15.77 -4.58 -12.43
N THR C 62 15.28 -3.56 -11.73
CA THR C 62 14.11 -3.71 -10.88
C THR C 62 12.85 -3.46 -11.69
N ASN C 63 11.77 -4.16 -11.32
CA ASN C 63 10.51 -4.04 -12.04
C ASN C 63 9.93 -2.65 -11.87
N GLU C 64 9.45 -2.08 -12.96
CA GLU C 64 8.86 -0.74 -12.95
C GLU C 64 7.40 -0.82 -13.36
N LEU C 65 6.52 -0.35 -12.47
CA LEU C 65 5.11 -0.23 -12.81
C LEU C 65 4.94 0.80 -13.92
N LEU C 66 3.98 0.53 -14.82
CA LEU C 66 3.67 1.45 -15.90
C LEU C 66 2.27 2.04 -15.74
N ILE C 67 1.25 1.19 -15.66
CA ILE C 67 -0.13 1.60 -15.51
C ILE C 67 -0.66 0.97 -14.23
N TYR C 68 -1.22 1.80 -13.35
CA TYR C 68 -1.92 1.27 -12.19
C TYR C 68 -3.43 1.38 -12.45
N SER C 69 -4.23 1.15 -11.41
CA SER C 69 -5.68 1.07 -11.54
C SER C 69 -6.23 2.05 -12.57
N GLY C 70 -7.03 1.52 -13.48
CA GLY C 70 -7.50 2.33 -14.60
C GLY C 70 -6.49 2.33 -15.72
N SER C 71 -6.19 3.52 -16.23
CA SER C 71 -5.24 3.68 -17.33
C SER C 71 -4.30 4.84 -17.05
N THR C 72 -3.77 4.92 -15.83
CA THR C 72 -2.96 6.06 -15.43
C THR C 72 -1.48 5.78 -15.63
N LEU C 73 -0.81 6.69 -16.33
CA LEU C 73 0.64 6.60 -16.49
C LEU C 73 1.33 6.91 -15.17
N GLN C 74 2.25 6.04 -14.77
CA GLN C 74 3.06 6.32 -13.58
C GLN C 74 3.98 7.51 -13.88
N SER C 75 4.26 8.30 -12.84
CA SER C 75 5.08 9.49 -13.00
C SER C 75 6.45 9.11 -13.57
N GLY C 76 6.82 9.79 -14.66
CA GLY C 76 8.08 9.55 -15.32
C GLY C 76 8.05 8.50 -16.41
N ILE C 77 6.96 7.76 -16.54
CA ILE C 77 6.82 6.74 -17.59
C ILE C 77 6.47 7.44 -18.90
N PRO C 78 7.10 7.06 -20.02
CA PRO C 78 6.79 7.70 -21.30
C PRO C 78 5.33 7.51 -21.69
N SER C 79 4.84 8.47 -22.49
CA SER C 79 3.45 8.48 -22.90
C SER C 79 3.10 7.39 -23.89
N ARG C 80 4.09 6.65 -24.40
CA ARG C 80 3.81 5.60 -25.38
C ARG C 80 2.85 4.57 -24.82
N PHE C 81 3.15 4.03 -23.64
CA PHE C 81 2.29 3.02 -23.04
C PHE C 81 0.93 3.61 -22.69
N ARG C 82 -0.12 2.86 -22.95
CA ARG C 82 -1.50 3.33 -22.76
C ARG C 82 -2.35 2.18 -22.25
N GLY C 83 -2.79 2.27 -21.00
CA GLY C 83 -3.71 1.28 -20.47
C GLY C 83 -5.13 1.50 -20.95
N SER C 84 -5.97 0.51 -20.68
CA SER C 84 -7.38 0.53 -21.07
C SER C 84 -8.09 -0.59 -20.32
N GLY C 85 -9.34 -0.84 -20.68
CA GLY C 85 -10.08 -1.97 -20.16
C GLY C 85 -10.91 -1.63 -18.93
N SER C 86 -11.89 -2.49 -18.67
CA SER C 86 -12.77 -2.32 -17.52
C SER C 86 -13.56 -3.61 -17.32
N GLY C 87 -13.82 -3.92 -16.05
CA GLY C 87 -14.61 -5.08 -15.67
C GLY C 87 -13.84 -6.38 -15.62
N THR C 88 -13.59 -6.99 -16.78
CA THR C 88 -12.83 -8.23 -16.81
C THR C 88 -11.69 -8.22 -17.81
N ASP C 89 -11.87 -7.59 -18.97
CA ASP C 89 -10.91 -7.65 -20.06
C ASP C 89 -10.20 -6.31 -20.18
N PHE C 90 -8.88 -6.33 -20.07
CA PHE C 90 -8.05 -5.14 -20.22
C PHE C 90 -7.12 -5.32 -21.41
N THR C 91 -6.42 -4.25 -21.75
CA THR C 91 -5.43 -4.26 -22.82
C THR C 91 -4.22 -3.46 -22.38
N LEU C 92 -3.23 -3.39 -23.27
CA LEU C 92 -2.06 -2.54 -23.06
C LEU C 92 -1.49 -2.17 -24.42
N THR C 93 -1.47 -0.87 -24.71
CA THR C 93 -1.08 -0.38 -26.02
C THR C 93 0.23 0.37 -25.93
N ILE C 94 1.19 0.00 -26.78
CA ILE C 94 2.49 0.66 -26.86
C ILE C 94 2.61 1.26 -28.25
N SER C 95 2.88 2.55 -28.32
CA SER C 95 2.97 3.27 -29.59
C SER C 95 4.40 3.74 -29.82
N SER C 96 4.85 3.61 -31.06
CA SER C 96 6.21 4.01 -31.45
C SER C 96 7.25 3.25 -30.63
N LEU C 97 7.29 1.93 -30.83
CA LEU C 97 8.21 1.07 -30.10
C LEU C 97 9.66 1.47 -30.31
N GLU C 98 10.30 1.96 -29.28
CA GLU C 98 11.72 2.21 -29.40
C GLU C 98 12.51 0.93 -29.13
N PRO C 99 13.74 0.81 -29.66
CA PRO C 99 14.50 -0.44 -29.50
C PRO C 99 14.78 -0.81 -28.05
N GLU C 100 14.45 0.04 -27.09
CA GLU C 100 14.70 -0.23 -25.68
C GLU C 100 13.44 -0.64 -24.92
N ASP C 101 12.35 -0.95 -25.63
CA ASP C 101 11.07 -1.27 -25.00
C ASP C 101 10.75 -2.76 -25.06
N PHE C 102 11.76 -3.62 -24.94
CA PHE C 102 11.57 -5.06 -25.05
C PHE C 102 11.87 -5.71 -23.71
N ALA C 103 10.84 -6.26 -23.08
CA ALA C 103 10.93 -6.88 -21.76
C ALA C 103 9.66 -7.70 -21.56
N MET C 104 9.46 -8.19 -20.34
CA MET C 104 8.30 -8.99 -20.00
C MET C 104 7.28 -8.14 -19.25
N TYR C 105 6.05 -8.11 -19.73
CA TYR C 105 4.99 -7.31 -19.16
C TYR C 105 3.96 -8.21 -18.49
N TYR C 106 3.80 -8.05 -17.18
CA TYR C 106 2.82 -8.79 -16.42
C TYR C 106 1.67 -7.89 -16.03
N CYS C 107 0.54 -8.51 -15.68
CA CYS C 107 -0.63 -7.80 -15.20
C CYS C 107 -1.07 -8.37 -13.87
N GLN C 108 -1.45 -7.48 -12.95
CA GLN C 108 -1.80 -7.84 -11.59
C GLN C 108 -3.12 -7.20 -11.22
N GLN C 109 -4.03 -7.99 -10.65
CA GLN C 109 -5.29 -7.47 -10.16
C GLN C 109 -5.13 -7.13 -8.69
N HIS C 110 -5.55 -5.92 -8.30
CA HIS C 110 -5.40 -5.45 -6.93
C HIS C 110 -6.71 -4.91 -6.40
N ASN C 111 -7.78 -5.68 -6.56
CA ASN C 111 -9.08 -5.35 -6.00
C ASN C 111 -9.37 -6.14 -4.73
N GLU C 112 -9.09 -7.44 -4.72
CA GLU C 112 -9.30 -8.28 -3.55
C GLU C 112 -7.98 -8.91 -3.13
N TYR C 113 -8.03 -9.75 -2.09
CA TYR C 113 -6.86 -10.50 -1.67
C TYR C 113 -6.63 -11.67 -2.62
N THR C 114 -5.67 -12.54 -2.27
CA THR C 114 -5.15 -13.54 -3.20
C THR C 114 -4.73 -12.84 -4.49
N LEU C 115 -3.91 -11.80 -4.35
CA LEU C 115 -3.52 -10.94 -5.45
C LEU C 115 -2.85 -11.76 -6.54
N THR C 116 -3.49 -11.84 -7.71
CA THR C 116 -3.08 -12.75 -8.76
C THR C 116 -2.38 -11.99 -9.89
N PHE C 117 -1.26 -12.52 -10.35
CA PHE C 117 -0.52 -11.98 -11.47
C PHE C 117 -0.91 -12.74 -12.74
N GLY C 118 -0.18 -12.50 -13.83
CA GLY C 118 -0.43 -13.17 -15.09
C GLY C 118 0.84 -13.76 -15.67
N GLY C 119 0.69 -14.32 -16.87
CA GLY C 119 1.81 -14.92 -17.56
C GLY C 119 2.72 -13.87 -18.18
N GLY C 120 3.81 -14.36 -18.75
CA GLY C 120 4.79 -13.49 -19.35
C GLY C 120 4.40 -13.01 -20.74
N THR C 121 5.29 -12.22 -21.33
CA THR C 121 5.10 -11.72 -22.69
C THR C 121 6.46 -11.25 -23.20
N LYS C 122 6.67 -11.39 -24.49
CA LYS C 122 7.93 -10.97 -25.11
C LYS C 122 7.68 -10.03 -26.28
N ASP D 20 17.02 8.07 -4.04
CA ASP D 20 15.64 7.88 -3.64
C ASP D 20 15.48 6.57 -2.87
N VAL D 21 14.25 6.04 -2.86
CA VAL D 21 13.97 4.83 -2.11
C VAL D 21 14.47 3.63 -2.90
N GLN D 22 15.23 2.76 -2.24
CA GLN D 22 15.75 1.54 -2.86
C GLN D 22 15.60 0.38 -1.88
N LEU D 23 15.51 -0.82 -2.45
CA LEU D 23 15.38 -2.04 -1.66
C LEU D 23 16.31 -3.09 -2.24
N GLN D 24 17.25 -3.59 -1.41
CA GLN D 24 18.26 -4.57 -1.84
C GLN D 24 18.32 -5.68 -0.80
N GLU D 25 17.61 -6.77 -1.07
CA GLU D 25 17.51 -7.86 -0.11
C GLU D 25 18.68 -8.83 -0.25
N SER D 26 18.79 -9.73 0.73
CA SER D 26 19.82 -10.76 0.73
C SER D 26 19.40 -11.87 1.69
N GLY D 27 20.07 -13.02 1.58
CA GLY D 27 19.80 -14.14 2.44
C GLY D 27 20.43 -15.42 1.96
N PRO D 28 20.29 -16.50 2.74
CA PRO D 28 20.84 -17.81 2.34
C PRO D 28 19.94 -18.50 1.33
N GLY D 29 20.52 -18.88 0.19
CA GLY D 29 19.80 -19.55 -0.87
C GLY D 29 20.07 -21.04 -0.99
N LEU D 30 20.72 -21.66 -0.01
CA LEU D 30 21.09 -23.07 -0.05
C LEU D 30 20.36 -23.86 1.02
N VAL D 31 19.11 -23.51 1.29
CA VAL D 31 18.36 -24.18 2.35
C VAL D 31 18.15 -25.64 2.00
N LYS D 32 18.22 -26.49 3.03
CA LYS D 32 18.01 -27.93 2.91
C LYS D 32 16.53 -28.26 3.13
N PRO D 33 16.00 -29.26 2.41
CA PRO D 33 14.59 -29.61 2.57
C PRO D 33 14.25 -29.96 4.01
N SER D 34 13.04 -29.54 4.42
CA SER D 34 12.48 -29.80 5.75
C SER D 34 13.14 -28.96 6.84
N GLN D 35 13.62 -27.77 6.49
CA GLN D 35 14.04 -26.78 7.48
C GLN D 35 13.59 -25.39 7.02
N SER D 36 13.52 -24.47 7.97
CA SER D 36 13.05 -23.12 7.69
C SER D 36 14.07 -22.35 6.84
N LEU D 37 13.57 -21.40 6.07
CA LEU D 37 14.39 -20.49 5.29
C LEU D 37 14.50 -19.15 6.01
N SER D 38 15.28 -18.23 5.43
CA SER D 38 15.44 -16.91 5.98
C SER D 38 15.71 -15.92 4.86
N LEU D 39 15.01 -14.79 4.87
CA LEU D 39 15.15 -13.78 3.84
C LEU D 39 15.09 -12.41 4.50
N THR D 40 16.08 -11.56 4.20
CA THR D 40 16.18 -10.23 4.78
C THR D 40 16.19 -9.19 3.68
N CYS D 41 15.36 -8.15 3.84
CA CYS D 41 15.26 -7.05 2.90
C CYS D 41 15.67 -5.77 3.62
N THR D 42 16.64 -5.07 3.08
CA THR D 42 17.21 -3.88 3.71
C THR D 42 16.69 -2.64 2.97
N VAL D 43 15.58 -2.09 3.49
CA VAL D 43 15.00 -0.89 2.88
C VAL D 43 15.88 0.30 3.18
N SER D 44 16.47 0.89 2.13
CA SER D 44 17.39 2.01 2.27
C SER D 44 16.82 3.22 1.54
N GLY D 45 16.92 4.38 2.18
CA GLY D 45 16.44 5.63 1.62
C GLY D 45 15.12 6.12 2.19
N TYR D 46 14.37 5.24 2.87
CA TYR D 46 13.08 5.62 3.42
C TYR D 46 12.76 4.70 4.59
N SER D 47 12.21 5.27 5.66
CA SER D 47 11.88 4.49 6.83
C SER D 47 10.69 3.59 6.55
N ILE D 48 10.71 2.40 7.16
CA ILE D 48 9.63 1.43 6.95
C ILE D 48 8.47 1.63 7.91
N THR D 49 8.67 2.36 9.01
CA THR D 49 7.61 2.58 9.99
C THR D 49 6.83 3.86 9.74
N SER D 50 7.16 4.62 8.71
CA SER D 50 6.42 5.84 8.42
C SER D 50 5.03 5.52 7.87
N ASP D 51 4.97 4.84 6.72
CA ASP D 51 3.70 4.51 6.11
C ASP D 51 3.93 3.39 5.10
N TYR D 52 2.92 3.13 4.27
CA TYR D 52 2.92 2.13 3.20
C TYR D 52 2.82 0.71 3.74
N ALA D 53 2.94 -0.27 2.87
CA ALA D 53 2.95 -1.69 3.23
C ALA D 53 4.06 -2.38 2.47
N TRP D 54 4.71 -3.34 3.11
CA TRP D 54 5.89 -3.99 2.57
C TRP D 54 5.59 -5.46 2.30
N ASN D 55 6.04 -5.95 1.14
CA ASN D 55 5.57 -7.22 0.59
C ASN D 55 6.73 -8.10 0.18
N TRP D 56 6.50 -9.41 0.22
CA TRP D 56 7.39 -10.42 -0.33
C TRP D 56 6.68 -11.14 -1.46
N ILE D 57 7.25 -11.08 -2.67
CA ILE D 57 6.69 -11.75 -3.83
C ILE D 57 7.75 -12.68 -4.40
N ARG D 58 7.33 -13.90 -4.79
CA ARG D 58 8.22 -14.89 -5.38
C ARG D 58 7.64 -15.37 -6.69
N GLN D 59 8.50 -15.59 -7.68
CA GLN D 59 8.10 -16.16 -8.96
C GLN D 59 8.72 -17.54 -9.09
N PHE D 60 7.86 -18.54 -9.33
CA PHE D 60 8.33 -19.92 -9.48
C PHE D 60 9.14 -20.05 -10.77
N PRO D 61 9.91 -21.13 -10.91
CA PRO D 61 10.48 -21.43 -12.23
C PRO D 61 9.38 -21.65 -13.25
N GLY D 62 9.29 -20.76 -14.24
CA GLY D 62 8.19 -20.78 -15.18
C GLY D 62 7.50 -19.44 -15.25
N ASN D 63 8.12 -18.43 -14.64
CA ASN D 63 7.69 -17.03 -14.65
C ASN D 63 6.36 -16.79 -13.94
N LYS D 64 5.81 -17.79 -13.26
CA LYS D 64 4.57 -17.62 -12.53
C LYS D 64 4.85 -16.93 -11.19
N LEU D 65 4.15 -15.83 -10.92
CA LEU D 65 4.34 -15.07 -9.70
C LEU D 65 3.22 -15.36 -8.71
N GLU D 66 3.59 -15.35 -7.42
CA GLU D 66 2.63 -15.56 -6.35
C GLU D 66 2.90 -14.55 -5.24
N TRP D 67 1.83 -14.16 -4.55
CA TRP D 67 1.89 -13.17 -3.48
C TRP D 67 1.72 -13.88 -2.14
N MET D 68 2.55 -13.49 -1.16
CA MET D 68 2.68 -14.24 0.08
C MET D 68 2.11 -13.53 1.30
N GLY D 69 2.56 -12.30 1.59
CA GLY D 69 2.08 -11.64 2.79
C GLY D 69 2.61 -10.22 2.87
N TYR D 70 2.01 -9.45 3.77
CA TYR D 70 2.33 -8.03 3.90
C TYR D 70 2.61 -7.67 5.35
N ILE D 71 3.50 -6.69 5.53
CA ILE D 71 3.75 -6.04 6.81
C ILE D 71 3.52 -4.55 6.60
N SER D 72 2.39 -4.05 7.11
CA SER D 72 2.07 -2.64 6.96
C SER D 72 3.00 -1.82 7.85
N TYR D 73 2.83 -0.50 7.78
CA TYR D 73 3.59 0.36 8.68
C TYR D 73 3.23 0.12 10.14
N THR D 74 1.95 -0.17 10.41
CA THR D 74 1.56 -0.67 11.72
C THR D 74 1.82 -2.17 11.79
N LEU D 75 1.64 -2.72 12.99
CA LEU D 75 1.90 -4.14 13.21
C LEU D 75 0.65 -4.98 12.98
N THR D 76 0.05 -4.81 11.82
CA THR D 76 -0.99 -5.69 11.32
C THR D 76 -0.43 -6.50 10.16
N THR D 77 -0.88 -7.75 10.04
CA THR D 77 -0.24 -8.66 9.10
C THR D 77 -1.20 -9.74 8.64
N GLY D 78 -1.24 -9.97 7.33
CA GLY D 78 -1.95 -11.09 6.78
C GLY D 78 -1.08 -11.78 5.74
N TYR D 79 -1.40 -13.03 5.47
CA TYR D 79 -0.58 -13.86 4.60
C TYR D 79 -1.43 -14.49 3.50
N ASN D 80 -0.76 -15.11 2.54
CA ASN D 80 -1.44 -15.93 1.55
C ASN D 80 -2.05 -17.14 2.24
N PRO D 81 -3.33 -17.43 2.00
CA PRO D 81 -3.94 -18.60 2.66
C PRO D 81 -3.23 -19.92 2.37
N SER D 82 -2.64 -20.06 1.18
CA SER D 82 -1.92 -21.29 0.86
C SER D 82 -0.70 -21.48 1.75
N LEU D 83 0.07 -20.41 1.97
CA LEU D 83 1.29 -20.46 2.75
C LEU D 83 1.10 -20.06 4.21
N LYS D 84 -0.13 -19.76 4.62
CA LYS D 84 -0.34 -19.13 5.92
C LYS D 84 0.13 -20.01 7.06
N SER D 85 -0.07 -21.32 6.95
CA SER D 85 0.22 -22.22 8.06
C SER D 85 1.71 -22.37 8.34
N ARG D 86 2.58 -21.87 7.46
CA ARG D 86 4.02 -22.04 7.65
C ARG D 86 4.81 -20.79 7.28
N ILE D 87 4.22 -19.60 7.42
CA ILE D 87 4.89 -18.37 7.03
C ILE D 87 4.72 -17.33 8.13
N SER D 88 5.67 -16.40 8.20
CA SER D 88 5.63 -15.32 9.19
C SER D 88 6.51 -14.17 8.71
N ILE D 89 6.05 -12.94 8.96
CA ILE D 89 6.76 -11.73 8.56
C ILE D 89 7.13 -10.94 9.81
N THR D 90 8.38 -10.51 9.90
CA THR D 90 8.88 -9.67 10.98
C THR D 90 9.44 -8.38 10.39
N ARG D 91 9.93 -7.52 11.28
CA ARG D 91 10.55 -6.26 10.89
C ARG D 91 11.61 -5.90 11.91
N ASP D 92 12.26 -4.75 11.69
CA ASP D 92 13.11 -4.13 12.70
C ASP D 92 13.03 -2.61 12.57
N SER D 93 13.31 -1.93 13.67
CA SER D 93 13.17 -0.48 13.74
C SER D 93 14.52 0.24 13.69
N SER D 94 15.46 -0.13 14.57
CA SER D 94 16.79 0.47 14.51
C SER D 94 17.46 0.15 13.19
N LYS D 95 17.34 -1.08 12.74
CA LYS D 95 17.77 -1.47 11.40
C LYS D 95 16.55 -1.47 10.49
N ASN D 96 16.67 -0.80 9.34
CA ASN D 96 15.53 -0.58 8.44
C ASN D 96 15.34 -1.82 7.56
N GLN D 97 14.96 -2.92 8.20
CA GLN D 97 14.85 -4.21 7.55
C GLN D 97 13.56 -4.90 7.98
N PHE D 98 13.04 -5.76 7.11
CA PHE D 98 11.98 -6.67 7.49
C PHE D 98 12.24 -8.03 6.86
N PHE D 99 12.03 -9.09 7.65
CA PHE D 99 12.51 -10.42 7.35
C PHE D 99 11.37 -11.35 6.94
N LEU D 100 11.70 -12.63 6.77
CA LEU D 100 10.75 -13.67 6.45
C LEU D 100 11.26 -15.00 6.99
N GLN D 101 10.42 -15.70 7.75
CA GLN D 101 10.73 -17.03 8.27
C GLN D 101 9.64 -17.98 7.83
N LEU D 102 9.96 -18.87 6.89
CA LEU D 102 9.01 -19.85 6.36
C LEU D 102 9.58 -21.23 6.64
N ASN D 103 8.94 -21.96 7.55
CA ASN D 103 9.40 -23.27 7.97
C ASN D 103 8.63 -24.36 7.24
N SER D 104 9.01 -25.61 7.49
CA SER D 104 8.43 -26.78 6.84
C SER D 104 8.55 -26.68 5.31
N VAL D 105 9.73 -26.30 4.84
CA VAL D 105 9.95 -26.10 3.42
C VAL D 105 9.86 -27.44 2.69
N THR D 106 9.02 -27.49 1.66
CA THR D 106 8.84 -28.69 0.86
C THR D 106 9.74 -28.63 -0.37
N THR D 107 9.54 -29.58 -1.28
CA THR D 107 10.40 -29.68 -2.46
C THR D 107 10.27 -28.46 -3.37
N GLU D 108 9.04 -27.97 -3.56
CA GLU D 108 8.75 -26.97 -4.59
C GLU D 108 8.64 -25.56 -4.04
N ASP D 109 9.43 -25.22 -3.02
CA ASP D 109 9.51 -23.86 -2.52
C ASP D 109 10.65 -23.06 -3.14
N THR D 110 11.41 -23.65 -4.05
CA THR D 110 12.47 -22.91 -4.72
C THR D 110 11.88 -21.91 -5.70
N ALA D 111 12.40 -20.69 -5.65
CA ALA D 111 11.90 -19.58 -6.47
C ALA D 111 12.86 -18.41 -6.31
N THR D 112 12.51 -17.27 -6.88
CA THR D 112 13.21 -16.02 -6.64
C THR D 112 12.29 -15.09 -5.87
N TYR D 113 12.74 -14.61 -4.71
CA TYR D 113 11.91 -13.85 -3.80
C TYR D 113 12.20 -12.36 -3.97
N TYR D 114 11.15 -11.57 -4.19
CA TYR D 114 11.26 -10.15 -4.50
C TYR D 114 10.70 -9.30 -3.37
N CYS D 115 11.23 -8.09 -3.25
CA CYS D 115 10.86 -7.15 -2.21
C CYS D 115 10.20 -5.93 -2.87
N ALA D 116 8.98 -5.61 -2.45
CA ALA D 116 8.21 -4.55 -3.08
C ALA D 116 7.43 -3.74 -2.04
N ARG D 117 7.07 -2.53 -2.41
CA ARG D 117 6.33 -1.60 -1.55
C ARG D 117 4.99 -1.28 -2.19
N SER D 118 3.91 -1.41 -1.41
CA SER D 118 2.57 -1.12 -1.90
C SER D 118 1.77 -0.44 -0.80
N GLY D 119 0.66 0.15 -1.17
CA GLY D 119 -0.23 0.74 -0.19
C GLY D 119 -0.94 -0.33 0.62
N TRP D 120 -1.36 0.05 1.82
CA TRP D 120 -2.01 -0.87 2.74
C TRP D 120 -3.53 -0.86 2.60
N LEU D 121 -4.07 -0.10 1.66
CA LEU D 121 -5.50 -0.05 1.44
C LEU D 121 -5.88 -0.94 0.27
N LEU D 122 -7.08 -1.51 0.33
CA LEU D 122 -7.60 -2.38 -0.71
C LEU D 122 -8.90 -1.80 -1.24
N PRO D 123 -9.00 -1.45 -2.54
CA PRO D 123 -8.01 -1.64 -3.62
C PRO D 123 -6.89 -0.60 -3.62
N TYR D 124 -6.25 -0.42 -4.78
CA TYR D 124 -5.04 0.41 -4.93
C TYR D 124 -3.84 -0.26 -4.27
N TRP D 125 -3.77 -1.58 -4.36
CA TRP D 125 -2.64 -2.36 -3.86
C TRP D 125 -1.70 -2.70 -5.01
N TYR D 126 -0.95 -1.71 -5.46
CA TYR D 126 0.01 -1.92 -6.54
C TYR D 126 1.43 -1.67 -6.04
N PHE D 127 2.38 -2.37 -6.63
CA PHE D 127 3.76 -2.38 -6.15
C PHE D 127 4.58 -1.38 -6.97
N ASP D 128 5.19 -0.41 -6.28
CA ASP D 128 5.88 0.68 -6.96
C ASP D 128 7.37 0.41 -7.15
N VAL D 129 8.09 0.21 -6.06
CA VAL D 129 9.52 -0.10 -6.12
C VAL D 129 9.74 -1.57 -5.81
N TRP D 130 10.54 -2.24 -6.62
CA TRP D 130 10.82 -3.66 -6.47
C TRP D 130 12.28 -3.90 -6.15
N GLY D 131 12.55 -5.06 -5.54
CA GLY D 131 13.91 -5.44 -5.24
C GLY D 131 14.61 -6.15 -6.39
N ALA D 132 15.93 -6.20 -6.31
CA ALA D 132 16.71 -6.82 -7.39
C ALA D 132 16.45 -8.31 -7.48
N GLY D 133 16.03 -8.95 -6.39
CA GLY D 133 15.74 -10.36 -6.39
C GLY D 133 16.91 -11.21 -5.92
N THR D 134 16.58 -12.35 -5.32
CA THR D 134 17.58 -13.32 -4.90
C THR D 134 17.03 -14.72 -5.12
N THR D 135 17.93 -15.68 -5.27
CA THR D 135 17.57 -17.04 -5.63
C THR D 135 17.65 -17.95 -4.41
N VAL D 136 16.55 -18.63 -4.12
CA VAL D 136 16.47 -19.62 -3.04
C VAL D 136 16.25 -20.97 -3.66
N THR D 137 17.14 -21.92 -3.38
CA THR D 137 17.06 -23.28 -3.91
C THR D 137 16.85 -24.25 -2.77
N VAL D 138 16.05 -25.28 -3.00
CA VAL D 138 15.78 -26.33 -2.03
C VAL D 138 16.21 -27.64 -2.68
N SER D 139 17.35 -28.17 -2.26
CA SER D 139 17.91 -29.36 -2.89
C SER D 139 18.89 -30.02 -1.94
N SER D 140 19.39 -31.17 -2.35
CA SER D 140 20.38 -31.92 -1.58
C SER D 140 21.72 -31.20 -1.55
#